data_5KD5
#
_entry.id   5KD5
#
_cell.length_a   86.860
_cell.length_b   88.440
_cell.length_c   99.020
_cell.angle_alpha   90.00
_cell.angle_beta   90.00
_cell.angle_gamma   90.00
#
_symmetry.space_group_name_H-M   'P 21 21 21'
#
loop_
_entity.id
_entity.type
_entity.pdbx_description
1 polymer Metallopeptidase
2 non-polymer 'ZINC ION'
3 non-polymer 1,2-ETHANEDIOL
4 non-polymer 'PHOSPHATE ION'
5 water water
#
_entity_poly.entity_id   1
_entity_poly.type   'polypeptide(L)'
_entity_poly.pdbx_seq_one_letter_code
;MGSSHHHHHHSSGLVPRGSHMASDKWEKEFRIRSYEPYSNIAEWADKLMTKKYSDLDNPTGISVKAGDDIIVLVGDTYGQ
NISMQCIWETGTEYKQTASSGDVYMLNPGVNKLTMKGEGQLFVMYNTELTSNTAKPIKIHIPLGSGTVNGFFDLKEHKTD
EKYAELLKKSTHKYFCIRGEKIMFYFHRNKLLEYVPNNILSAIHLWDNIVGWQQELMGIDDVRPSQVNNHLFAISPEGSY
MWASDYQIGFVYTYLGNILLEDNVMAAEDNAWGPAHEIGHVHQAAINWASSTESSNNLFSNFIIYKLGKYKSRGNGLGSV
ATARYANGQAWYNMGDATHQNEDTETHMRMNWQLWIYYHRCEYKTDFWQTLFKLMREVNMTEGEDPGKKQLEFAKMASKA
ANQNLTDFFEMWGFFEPVNTTIEQYGTYKYYVSDAMIREAKEYMAQFPAPKHAFQYIEDRKKSEFPSNDYRYSAVGDVGY
YTQFKENQKITKAITAELAGRKVSIQNGDEAVAFELRENDENGKLLYFSTFTTFEIPSSILMVNAKLYAVQADGKRILL
;
_entity_poly.pdbx_strand_id   A
#
loop_
_chem_comp.id
_chem_comp.type
_chem_comp.name
_chem_comp.formula
EDO non-polymer 1,2-ETHANEDIOL 'C2 H6 O2'
PO4 non-polymer 'PHOSPHATE ION' 'O4 P -3'
ZN non-polymer 'ZINC ION' 'Zn 2'
#
# COMPACT_ATOMS: atom_id res chain seq x y z
N ASP A 24 -26.31 -26.83 24.11
N ASP A 24 -26.02 -25.93 24.08
CA ASP A 24 -26.36 -26.70 22.61
CA ASP A 24 -26.17 -26.75 22.84
C ASP A 24 -24.93 -26.79 22.07
C ASP A 24 -24.83 -26.84 22.10
N LYS A 25 -24.82 -27.37 20.87
CA LYS A 25 -23.59 -27.48 20.11
C LYS A 25 -23.08 -26.10 19.68
N TRP A 26 -23.97 -25.11 19.62
CA TRP A 26 -23.55 -23.74 19.30
C TRP A 26 -22.71 -23.19 20.44
N GLU A 27 -23.18 -23.29 21.68
CA GLU A 27 -22.35 -22.85 22.80
C GLU A 27 -21.01 -23.59 22.82
N LYS A 28 -21.01 -24.90 22.56
CA LYS A 28 -19.79 -25.69 22.74
C LYS A 28 -18.67 -25.28 21.76
N GLU A 29 -19.08 -24.93 20.57
CA GLU A 29 -18.23 -24.49 19.47
C GLU A 29 -17.36 -23.31 19.88
N PHE A 30 -17.85 -22.49 20.82
CA PHE A 30 -17.14 -21.29 21.27
C PHE A 30 -16.62 -21.49 22.67
N ARG A 31 -17.33 -22.27 23.48
CA ARG A 31 -16.86 -22.45 24.86
C ARG A 31 -15.64 -23.38 24.98
N ILE A 32 -15.48 -24.29 24.03
CA ILE A 32 -14.39 -25.21 23.96
C ILE A 32 -13.71 -25.01 22.63
N ARG A 33 -12.51 -24.44 22.68
CA ARG A 33 -11.73 -24.19 21.47
C ARG A 33 -10.21 -24.40 21.65
N SER A 34 -9.53 -24.74 20.54
CA SER A 34 -8.07 -24.71 20.51
C SER A 34 -7.63 -23.39 19.86
N TYR A 35 -6.78 -22.68 20.56
CA TYR A 35 -6.27 -21.38 20.13
C TYR A 35 -4.84 -21.53 19.61
N GLU A 36 -4.69 -21.16 18.34
CA GLU A 36 -3.44 -21.29 17.63
C GLU A 36 -2.52 -20.12 18.02
N PRO A 37 -1.20 -20.34 17.97
CA PRO A 37 -0.24 -19.29 18.28
C PRO A 37 -0.19 -18.23 17.17
N TYR A 38 -0.08 -16.98 17.53
CA TYR A 38 0.21 -15.92 16.55
C TYR A 38 1.52 -15.23 16.89
N SER A 39 2.18 -14.61 15.90
CA SER A 39 3.44 -13.91 16.17
C SER A 39 3.33 -12.65 17.00
N ASN A 40 4.49 -12.06 17.38
CA ASN A 40 4.55 -10.83 18.11
C ASN A 40 4.52 -9.61 17.17
N ILE A 41 3.57 -8.71 17.43
CA ILE A 41 3.35 -7.62 16.51
C ILE A 41 4.47 -6.55 16.52
N ALA A 42 5.05 -6.25 17.66
CA ALA A 42 6.05 -5.19 17.72
C ALA A 42 7.32 -5.64 16.99
N GLU A 43 7.73 -6.87 17.23
CA GLU A 43 8.89 -7.45 16.58
C GLU A 43 8.79 -7.37 15.07
N TRP A 44 7.62 -7.71 14.51
CA TRP A 44 7.49 -7.82 13.05
C TRP A 44 7.25 -6.47 12.41
N ALA A 45 6.69 -5.55 13.18
CA ALA A 45 6.52 -4.18 12.67
C ALA A 45 7.91 -3.55 12.50
N ASP A 46 8.81 -3.80 13.44
CA ASP A 46 10.21 -3.37 13.29
C ASP A 46 10.92 -4.09 12.16
N LYS A 47 10.88 -5.41 12.12
CA LYS A 47 11.53 -6.18 11.07
C LYS A 47 11.02 -5.90 9.65
N LEU A 48 9.71 -5.70 9.50
CA LEU A 48 9.12 -5.56 8.19
C LEU A 48 8.88 -4.09 7.85
N MET A 49 9.14 -3.21 8.80
CA MET A 49 8.99 -1.75 8.58
C MET A 49 7.52 -1.43 8.20
N THR A 50 6.62 -1.84 9.09
CA THR A 50 5.21 -1.55 8.97
C THR A 50 4.70 -0.91 10.22
N LYS A 51 3.52 -0.31 10.12
CA LYS A 51 2.74 -0.06 11.32
C LYS A 51 2.40 -1.40 11.97
N LYS A 52 2.03 -1.39 13.23
CA LYS A 52 1.72 -2.62 13.92
C LYS A 52 0.46 -3.21 13.34
N TYR A 53 0.50 -4.49 13.12
CA TYR A 53 -0.67 -5.29 12.86
C TYR A 53 -1.47 -5.52 14.16
N SER A 54 -2.63 -6.21 14.04
CA SER A 54 -3.38 -6.48 15.23
C SER A 54 -2.81 -7.67 15.98
N ASP A 55 -2.99 -7.64 17.29
CA ASP A 55 -2.85 -8.87 18.13
C ASP A 55 -4.19 -9.44 18.61
N LEU A 56 -5.30 -8.99 18.03
CA LEU A 56 -6.65 -9.58 18.29
C LEU A 56 -7.02 -10.68 17.34
N ASP A 57 -6.06 -11.60 17.09
CA ASP A 57 -6.18 -12.67 16.14
C ASP A 57 -7.09 -13.82 16.67
N ASN A 58 -7.26 -13.85 17.97
CA ASN A 58 -7.88 -14.97 18.68
C ASN A 58 -9.13 -14.58 19.47
N PRO A 59 -10.18 -14.11 18.78
CA PRO A 59 -11.45 -14.01 19.53
C PRO A 59 -11.87 -15.32 20.21
N THR A 60 -12.55 -15.18 21.34
CA THR A 60 -13.25 -16.36 21.92
C THR A 60 -14.69 -16.48 21.41
N GLY A 61 -15.27 -15.34 21.03
CA GLY A 61 -16.71 -15.25 20.80
C GLY A 61 -17.55 -15.29 22.05
N ILE A 62 -16.94 -14.95 23.21
CA ILE A 62 -17.64 -14.84 24.49
C ILE A 62 -17.70 -13.36 24.87
N SER A 63 -18.91 -12.84 25.12
CA SER A 63 -19.01 -11.51 25.72
C SER A 63 -19.24 -11.55 27.22
N VAL A 64 -18.87 -10.47 27.87
CA VAL A 64 -18.93 -10.32 29.30
C VAL A 64 -19.53 -8.95 29.69
N LYS A 65 -20.01 -8.87 30.95
CA LYS A 65 -20.48 -7.62 31.56
C LYS A 65 -19.58 -7.39 32.72
N ALA A 66 -19.53 -6.14 33.19
CA ALA A 66 -18.67 -5.80 34.31
C ALA A 66 -19.20 -6.61 35.47
N GLY A 67 -18.28 -7.17 36.25
CA GLY A 67 -18.62 -8.00 37.42
C GLY A 67 -18.81 -9.47 37.10
N ASP A 68 -18.91 -9.85 35.83
CA ASP A 68 -19.04 -11.25 35.50
C ASP A 68 -17.87 -12.05 36.06
N ASP A 69 -18.19 -13.21 36.64
CA ASP A 69 -17.16 -14.19 36.98
C ASP A 69 -16.99 -15.18 35.86
N ILE A 70 -15.72 -15.36 35.47
CA ILE A 70 -15.39 -16.18 34.30
C ILE A 70 -14.40 -17.25 34.72
N ILE A 71 -14.85 -18.49 34.60
CA ILE A 71 -13.99 -19.65 34.73
C ILE A 71 -13.34 -19.94 33.37
N VAL A 72 -12.04 -20.17 33.38
CA VAL A 72 -11.32 -20.46 32.20
C VAL A 72 -10.48 -21.67 32.59
N LEU A 73 -10.68 -22.77 31.90
CA LEU A 73 -9.86 -23.92 32.16
C LEU A 73 -8.87 -24.02 31.02
N VAL A 74 -7.59 -24.09 31.37
CA VAL A 74 -6.53 -24.05 30.39
C VAL A 74 -5.74 -25.36 30.42
N GLY A 75 -5.57 -25.95 29.24
CA GLY A 75 -4.76 -27.14 29.06
C GLY A 75 -3.26 -26.93 29.18
N ASP A 76 -2.52 -27.89 28.63
CA ASP A 76 -1.06 -27.77 28.56
C ASP A 76 -0.75 -26.50 27.75
N THR A 77 0.07 -25.64 28.32
CA THR A 77 0.51 -24.38 27.66
C THR A 77 1.93 -24.48 27.10
N TYR A 78 2.60 -25.59 27.34
CA TYR A 78 3.90 -25.90 26.68
C TYR A 78 4.90 -24.84 26.96
N GLY A 79 4.88 -24.29 28.17
CA GLY A 79 5.83 -23.27 28.52
C GLY A 79 5.44 -21.86 28.11
N GLN A 80 4.33 -21.70 27.39
CA GLN A 80 3.98 -20.39 26.83
C GLN A 80 3.26 -19.56 27.86
N ASN A 81 3.43 -18.26 27.82
CA ASN A 81 2.73 -17.36 28.70
C ASN A 81 1.57 -16.85 27.87
N ILE A 82 0.36 -17.09 28.35
CA ILE A 82 -0.81 -16.60 27.67
C ILE A 82 -1.71 -15.84 28.60
N SER A 83 -2.64 -15.08 28.03
CA SER A 83 -3.53 -14.28 28.85
C SER A 83 -4.83 -14.02 28.13
N MET A 84 -5.79 -13.42 28.83
CA MET A 84 -7.11 -13.09 28.30
C MET A 84 -7.25 -11.58 28.32
N GLN A 85 -7.76 -11.01 27.24
CA GLN A 85 -7.98 -9.60 27.20
C GLN A 85 -9.45 -9.35 26.87
N CYS A 86 -10.01 -8.40 27.57
CA CYS A 86 -11.39 -7.98 27.34
C CYS A 86 -11.41 -6.68 26.48
N ILE A 87 -12.05 -6.70 25.33
CA ILE A 87 -12.00 -5.57 24.42
C ILE A 87 -13.35 -4.90 24.40
N TRP A 88 -13.34 -3.60 24.64
CA TRP A 88 -14.55 -2.79 24.49
C TRP A 88 -14.22 -1.48 23.72
N GLU A 89 -14.62 -0.30 24.21
CA GLU A 89 -14.71 0.92 23.42
C GLU A 89 -13.95 2.00 24.12
N THR A 90 -13.47 2.95 23.33
CA THR A 90 -12.74 4.10 23.79
C THR A 90 -13.25 5.34 23.02
N GLY A 91 -12.87 6.53 23.48
CA GLY A 91 -13.19 7.76 22.80
C GLY A 91 -14.08 8.68 23.62
N THR A 92 -13.76 9.97 23.52
CA THR A 92 -14.53 11.05 24.10
C THR A 92 -15.45 11.68 23.04
N GLU A 93 -14.86 12.15 21.94
CA GLU A 93 -15.69 12.76 20.89
C GLU A 93 -16.78 11.81 20.38
N TYR A 94 -16.44 10.54 20.18
CA TYR A 94 -17.41 9.50 19.75
C TYR A 94 -16.76 8.16 20.15
N LYS A 95 -17.49 7.08 20.06
CA LYS A 95 -16.99 5.77 20.54
C LYS A 95 -16.38 4.98 19.40
N GLN A 96 -15.32 4.22 19.70
CA GLN A 96 -14.81 3.22 18.77
C GLN A 96 -14.23 2.02 19.51
N THR A 97 -14.21 0.88 18.85
CA THR A 97 -13.55 -0.32 19.41
C THR A 97 -12.09 0.03 19.76
N ALA A 98 -11.64 -0.29 20.97
CA ALA A 98 -10.28 -0.03 21.41
C ALA A 98 -9.29 -1.11 20.91
N SER A 99 -8.00 -0.78 20.91
CA SER A 99 -6.97 -1.73 20.40
C SER A 99 -6.45 -2.56 21.57
N SER A 100 -6.84 -2.20 22.78
CA SER A 100 -6.51 -2.92 24.00
C SER A 100 -7.57 -2.73 25.09
N GLY A 101 -7.40 -3.42 26.21
CA GLY A 101 -8.46 -3.49 27.27
C GLY A 101 -7.94 -4.20 28.50
N ASP A 102 -8.81 -4.56 29.44
CA ASP A 102 -8.37 -5.24 30.66
C ASP A 102 -7.80 -6.61 30.32
N VAL A 103 -6.66 -6.89 30.90
CA VAL A 103 -5.86 -8.07 30.68
C VAL A 103 -5.80 -8.93 31.94
N TYR A 104 -6.05 -10.22 31.76
CA TYR A 104 -6.12 -11.16 32.86
C TYR A 104 -5.12 -12.24 32.60
N MET A 105 -4.19 -12.39 33.51
CA MET A 105 -3.21 -13.48 33.39
C MET A 105 -3.88 -14.85 33.48
N LEU A 106 -3.37 -15.80 32.73
CA LEU A 106 -3.87 -17.16 32.69
C LEU A 106 -2.76 -18.13 33.01
N ASN A 107 -3.10 -19.18 33.75
CA ASN A 107 -2.20 -20.31 34.04
C ASN A 107 -2.79 -21.62 33.64
N PRO A 108 -1.93 -22.65 33.51
CA PRO A 108 -2.52 -23.94 33.22
C PRO A 108 -3.46 -24.32 34.37
N GLY A 109 -4.54 -25.01 34.03
CA GLY A 109 -5.50 -25.42 35.04
C GLY A 109 -6.66 -24.47 35.18
N VAL A 110 -7.00 -24.16 36.43
CA VAL A 110 -8.27 -23.47 36.76
C VAL A 110 -8.00 -22.01 36.92
N ASN A 111 -8.71 -21.16 36.19
CA ASN A 111 -8.61 -19.73 36.44
C ASN A 111 -10.01 -19.19 36.68
N LYS A 112 -10.11 -18.28 37.62
CA LYS A 112 -11.33 -17.58 37.90
C LYS A 112 -11.08 -16.09 37.84
N LEU A 113 -11.65 -15.45 36.80
CA LEU A 113 -11.51 -14.03 36.56
C LEU A 113 -12.78 -13.30 36.95
N THR A 114 -12.62 -12.08 37.48
CA THR A 114 -13.76 -11.19 37.71
C THR A 114 -13.57 -10.02 36.75
N MET A 115 -14.55 -9.84 35.87
CA MET A 115 -14.46 -8.81 34.85
C MET A 115 -14.57 -7.40 35.44
N LYS A 116 -13.48 -6.66 35.30
CA LYS A 116 -13.45 -5.26 35.63
C LYS A 116 -14.44 -4.42 34.75
N GLY A 117 -14.76 -4.89 33.55
CA GLY A 117 -15.69 -4.20 32.67
C GLY A 117 -16.26 -5.08 31.60
N GLU A 118 -17.07 -4.52 30.70
CA GLU A 118 -17.74 -5.31 29.68
C GLU A 118 -16.92 -5.42 28.38
N GLY A 119 -17.33 -6.30 27.47
CA GLY A 119 -16.58 -6.48 26.22
C GLY A 119 -16.67 -7.88 25.66
N GLN A 120 -15.83 -8.16 24.66
CA GLN A 120 -15.63 -9.47 24.15
C GLN A 120 -14.26 -9.97 24.56
N LEU A 121 -14.15 -11.27 24.83
CA LEU A 121 -12.85 -11.85 25.24
C LEU A 121 -12.03 -12.28 24.08
N PHE A 122 -10.73 -12.00 24.17
CA PHE A 122 -9.73 -12.48 23.21
C PHE A 122 -8.60 -13.19 23.96
N VAL A 123 -8.19 -14.33 23.43
CA VAL A 123 -7.03 -15.05 23.97
C VAL A 123 -5.78 -14.41 23.35
N MET A 124 -4.85 -13.99 24.22
CA MET A 124 -3.58 -13.40 23.83
C MET A 124 -2.47 -14.44 23.87
N TYR A 125 -2.20 -15.07 22.73
CA TYR A 125 -1.18 -16.14 22.64
C TYR A 125 -0.25 -15.66 21.51
N ASN A 126 0.83 -15.02 21.91
CA ASN A 126 1.78 -14.42 20.95
C ASN A 126 3.19 -14.84 21.27
N THR A 127 3.83 -15.43 20.30
CA THR A 127 5.06 -16.10 20.54
C THR A 127 5.86 -16.29 19.27
N GLU A 128 7.07 -16.83 19.41
N GLU A 128 7.07 -16.83 19.42
CA GLU A 128 7.88 -17.19 18.26
CA GLU A 128 7.88 -17.27 18.29
C GLU A 128 7.30 -18.47 17.64
C GLU A 128 7.26 -18.51 17.65
N LEU A 129 6.89 -18.40 16.39
CA LEU A 129 6.11 -19.44 15.75
C LEU A 129 6.90 -20.73 15.38
N THR A 130 8.21 -20.61 15.23
CA THR A 130 9.01 -21.72 14.73
C THR A 130 9.38 -22.69 15.82
N SER A 131 9.38 -22.22 17.07
CA SER A 131 9.57 -23.10 18.24
C SER A 131 8.67 -24.31 18.27
N ASN A 132 9.22 -25.46 18.69
CA ASN A 132 8.39 -26.66 18.74
C ASN A 132 7.41 -26.64 19.90
N THR A 133 7.54 -25.67 20.80
CA THR A 133 6.50 -25.42 21.84
C THR A 133 5.31 -24.55 21.36
N ALA A 134 5.34 -24.07 20.12
CA ALA A 134 4.30 -23.14 19.63
C ALA A 134 3.17 -23.96 19.07
N LYS A 135 2.44 -24.65 19.94
CA LYS A 135 1.32 -25.51 19.51
C LYS A 135 -0.04 -24.93 19.97
N PRO A 136 -1.15 -25.39 19.37
CA PRO A 136 -2.43 -24.81 19.79
C PRO A 136 -2.67 -25.14 21.28
N ILE A 137 -3.19 -24.18 22.02
CA ILE A 137 -3.59 -24.39 23.40
C ILE A 137 -5.12 -24.56 23.55
N LYS A 138 -5.54 -25.60 24.28
CA LYS A 138 -6.96 -25.82 24.54
C LYS A 138 -7.49 -25.04 25.75
N ILE A 139 -8.58 -24.30 25.55
CA ILE A 139 -9.13 -23.45 26.60
C ILE A 139 -10.66 -23.58 26.59
N HIS A 140 -11.22 -23.88 27.77
CA HIS A 140 -12.65 -24.14 27.96
C HIS A 140 -13.18 -23.09 28.90
N ILE A 141 -14.16 -22.32 28.41
CA ILE A 141 -14.84 -21.34 29.24
C ILE A 141 -16.24 -21.93 29.45
N PRO A 142 -16.48 -22.56 30.62
CA PRO A 142 -17.65 -23.42 30.77
C PRO A 142 -19.00 -22.70 30.88
N LEU A 143 -20.09 -23.39 30.48
CA LEU A 143 -21.45 -22.86 30.68
C LEU A 143 -21.54 -22.08 31.99
N GLY A 144 -22.18 -20.91 31.99
CA GLY A 144 -22.23 -20.13 33.21
C GLY A 144 -21.31 -18.96 33.26
N SER A 145 -20.20 -18.99 32.50
CA SER A 145 -19.25 -17.87 32.46
C SER A 145 -19.45 -17.02 31.17
N GLY A 146 -19.86 -15.78 31.36
CA GLY A 146 -20.25 -14.88 30.25
C GLY A 146 -21.29 -15.41 29.30
N THR A 147 -21.38 -14.78 28.13
CA THR A 147 -22.36 -15.14 27.14
C THR A 147 -21.72 -15.52 25.82
N VAL A 148 -22.14 -16.63 25.22
CA VAL A 148 -21.70 -16.97 23.89
C VAL A 148 -22.31 -15.99 22.83
N ASN A 149 -21.43 -15.22 22.17
CA ASN A 149 -21.80 -14.40 21.04
C ASN A 149 -21.52 -15.10 19.75
N GLY A 150 -20.41 -15.86 19.74
CA GLY A 150 -19.94 -16.49 18.54
C GLY A 150 -19.04 -15.49 17.80
N PHE A 151 -18.33 -16.01 16.83
CA PHE A 151 -17.67 -15.24 15.74
C PHE A 151 -17.59 -16.16 14.53
N PHE A 152 -17.30 -15.62 13.36
CA PHE A 152 -17.21 -16.41 12.15
C PHE A 152 -15.74 -16.54 11.72
N ASP A 153 -15.24 -17.76 11.70
CA ASP A 153 -14.00 -18.15 11.03
C ASP A 153 -14.16 -18.67 9.62
N LEU A 154 -13.47 -18.00 8.70
CA LEU A 154 -13.54 -18.37 7.32
C LEU A 154 -13.15 -19.82 7.10
N LYS A 155 -12.03 -20.23 7.69
CA LYS A 155 -11.45 -21.53 7.38
C LYS A 155 -12.25 -22.64 8.04
N GLU A 156 -12.69 -22.39 9.26
CA GLU A 156 -13.43 -23.39 10.04
C GLU A 156 -14.90 -23.50 9.66
N HIS A 157 -15.58 -22.35 9.46
CA HIS A 157 -17.01 -22.32 9.25
C HIS A 157 -17.43 -22.33 7.80
N LYS A 158 -16.59 -21.76 6.92
CA LYS A 158 -16.66 -21.94 5.45
C LYS A 158 -17.83 -21.42 4.63
N THR A 159 -19.06 -21.40 5.18
CA THR A 159 -20.26 -21.11 4.36
C THR A 159 -21.00 -19.86 4.77
N ASP A 160 -21.68 -19.25 3.79
CA ASP A 160 -22.58 -18.15 4.10
C ASP A 160 -23.74 -18.59 5.04
N GLU A 161 -24.21 -19.82 4.86
CA GLU A 161 -25.34 -20.31 5.68
C GLU A 161 -24.91 -20.35 7.16
N LYS A 162 -23.68 -20.79 7.42
CA LYS A 162 -23.17 -20.75 8.80
C LYS A 162 -22.90 -19.35 9.33
N TYR A 163 -22.31 -18.49 8.48
CA TYR A 163 -22.22 -17.09 8.83
C TYR A 163 -23.58 -16.53 9.24
N ALA A 164 -24.58 -16.73 8.37
CA ALA A 164 -25.93 -16.17 8.63
C ALA A 164 -26.46 -16.67 9.99
N GLU A 165 -26.29 -17.97 10.24
CA GLU A 165 -26.75 -18.61 11.48
C GLU A 165 -26.04 -18.00 12.69
N LEU A 166 -24.70 -17.89 12.61
CA LEU A 166 -23.97 -17.26 13.71
C LEU A 166 -24.34 -15.81 13.96
N LEU A 167 -24.48 -15.01 12.89
CA LEU A 167 -24.84 -13.62 13.09
C LEU A 167 -26.22 -13.49 13.75
N LYS A 168 -27.16 -14.31 13.32
CA LYS A 168 -28.50 -14.29 13.98
C LYS A 168 -28.42 -14.58 15.48
N LYS A 169 -27.70 -15.63 15.89
CA LYS A 169 -27.61 -16.00 17.30
C LYS A 169 -26.83 -15.06 18.15
N SER A 170 -25.97 -14.24 17.53
CA SER A 170 -25.18 -13.30 18.31
C SER A 170 -26.01 -12.23 18.94
N THR A 171 -25.52 -11.66 20.03
CA THR A 171 -26.24 -10.57 20.68
C THR A 171 -25.47 -9.30 20.95
N HIS A 172 -24.14 -9.33 20.86
CA HIS A 172 -23.33 -8.23 21.27
C HIS A 172 -23.39 -7.13 20.18
N LYS A 173 -22.99 -5.97 20.62
CA LYS A 173 -22.92 -4.79 19.75
C LYS A 173 -22.07 -5.08 18.51
N TYR A 174 -21.01 -5.86 18.69
CA TYR A 174 -20.01 -6.11 17.63
C TYR A 174 -19.92 -7.57 17.36
N PHE A 175 -19.76 -7.92 16.09
CA PHE A 175 -19.52 -9.28 15.67
C PHE A 175 -18.23 -9.45 14.82
N CYS A 176 -17.48 -10.50 15.17
CA CYS A 176 -16.11 -10.68 14.68
C CYS A 176 -16.13 -11.67 13.53
N ILE A 177 -15.50 -11.26 12.42
CA ILE A 177 -15.32 -12.09 11.28
C ILE A 177 -13.79 -12.24 11.00
N ARG A 178 -13.31 -13.48 11.05
CA ARG A 178 -11.87 -13.75 10.90
C ARG A 178 -11.56 -14.34 9.56
N GLY A 179 -10.92 -13.54 8.69
CA GLY A 179 -10.51 -14.02 7.41
C GLY A 179 -9.08 -14.54 7.52
N GLU A 180 -8.49 -14.87 6.40
CA GLU A 180 -7.11 -15.32 6.36
C GLU A 180 -6.11 -14.22 6.70
N LYS A 181 -6.33 -13.01 6.19
CA LYS A 181 -5.41 -11.89 6.39
C LYS A 181 -5.98 -10.62 7.08
N ILE A 182 -7.28 -10.46 7.04
CA ILE A 182 -7.98 -9.38 7.68
C ILE A 182 -9.12 -9.97 8.53
N MET A 183 -9.46 -9.19 9.56
CA MET A 183 -10.66 -9.39 10.37
C MET A 183 -11.54 -8.20 10.29
N PHE A 184 -12.85 -8.43 10.39
CA PHE A 184 -13.85 -7.36 10.59
C PHE A 184 -14.39 -7.47 12.02
N TYR A 185 -14.45 -6.35 12.74
CA TYR A 185 -15.09 -6.26 14.04
C TYR A 185 -16.09 -5.08 13.95
N PHE A 186 -17.23 -5.39 13.39
CA PHE A 186 -18.19 -4.33 12.95
C PHE A 186 -19.48 -4.47 13.76
N HIS A 187 -20.22 -3.35 13.76
CA HIS A 187 -21.53 -3.25 14.46
C HIS A 187 -22.40 -4.33 13.96
N ARG A 188 -22.96 -5.14 14.85
CA ARG A 188 -23.94 -6.17 14.44
C ARG A 188 -25.11 -5.64 13.55
N ASN A 189 -25.65 -4.51 13.93
CA ASN A 189 -26.79 -3.92 13.25
C ASN A 189 -26.48 -3.53 11.79
N LYS A 190 -25.23 -3.11 11.58
CA LYS A 190 -24.76 -2.87 10.21
C LYS A 190 -24.56 -4.10 9.40
N LEU A 191 -24.03 -5.20 9.98
CA LEU A 191 -23.90 -6.41 9.21
C LEU A 191 -25.28 -6.90 8.84
N LEU A 192 -26.18 -6.86 9.80
CA LEU A 192 -27.54 -7.31 9.56
C LEU A 192 -28.21 -6.43 8.49
N GLU A 193 -27.93 -5.13 8.55
CA GLU A 193 -28.48 -4.23 7.55
C GLU A 193 -27.96 -4.56 6.14
N TYR A 194 -26.65 -4.72 5.92
CA TYR A 194 -26.13 -4.94 4.52
C TYR A 194 -25.83 -6.36 4.05
N VAL A 195 -25.43 -7.22 4.98
CA VAL A 195 -24.94 -8.59 4.69
C VAL A 195 -25.53 -9.57 5.74
N PRO A 196 -26.88 -9.67 5.79
CA PRO A 196 -27.40 -10.55 6.81
C PRO A 196 -27.18 -12.04 6.49
N ASN A 197 -27.10 -12.39 5.22
CA ASN A 197 -27.02 -13.78 4.84
C ASN A 197 -25.74 -14.22 4.15
N ASN A 198 -24.82 -13.27 3.89
CA ASN A 198 -23.61 -13.63 3.16
C ASN A 198 -22.40 -12.77 3.63
N ILE A 199 -21.27 -13.44 3.71
CA ILE A 199 -20.01 -12.78 4.07
C ILE A 199 -18.87 -13.20 3.17
N LEU A 200 -18.96 -14.34 2.51
CA LEU A 200 -17.82 -14.89 1.79
C LEU A 200 -17.25 -13.89 0.76
N SER A 201 -18.16 -13.24 0.03
CA SER A 201 -17.72 -12.31 -0.99
C SER A 201 -16.94 -11.15 -0.35
N ALA A 202 -17.45 -10.60 0.75
CA ALA A 202 -16.83 -9.52 1.46
C ALA A 202 -15.47 -9.88 2.04
N ILE A 203 -15.40 -11.03 2.72
CA ILE A 203 -14.16 -11.39 3.41
C ILE A 203 -13.13 -11.83 2.41
N HIS A 204 -13.50 -12.52 1.32
CA HIS A 204 -12.54 -12.90 0.31
C HIS A 204 -11.99 -11.62 -0.34
N LEU A 205 -12.84 -10.64 -0.62
CA LEU A 205 -12.38 -9.40 -1.27
C LEU A 205 -11.31 -8.68 -0.43
N TRP A 206 -11.61 -8.44 0.84
CA TRP A 206 -10.71 -7.74 1.74
C TRP A 206 -9.45 -8.55 2.07
N ASP A 207 -9.56 -9.87 2.22
CA ASP A 207 -8.32 -10.69 2.32
C ASP A 207 -7.42 -10.54 1.08
N ASN A 208 -8.02 -10.56 -0.12
CA ASN A 208 -7.29 -10.36 -1.32
C ASN A 208 -6.63 -9.00 -1.35
N ILE A 209 -7.34 -7.94 -0.94
CA ILE A 209 -6.74 -6.58 -0.97
C ILE A 209 -5.51 -6.51 -0.07
N VAL A 210 -5.62 -7.02 1.16
CA VAL A 210 -4.48 -7.12 2.04
C VAL A 210 -3.38 -7.99 1.44
N GLY A 211 -3.72 -9.18 0.95
CA GLY A 211 -2.77 -10.12 0.37
C GLY A 211 -2.03 -9.63 -0.85
N TRP A 212 -2.72 -8.82 -1.65
CA TRP A 212 -2.07 -8.17 -2.79
C TRP A 212 -1.04 -7.15 -2.34
N GLN A 213 -1.32 -6.42 -1.28
CA GLN A 213 -0.27 -5.49 -0.79
C GLN A 213 0.93 -6.28 -0.26
N GLN A 214 0.64 -7.28 0.56
CA GLN A 214 1.73 -8.12 1.06
C GLN A 214 2.54 -8.79 -0.03
N GLU A 215 1.86 -9.20 -1.13
CA GLU A 215 2.53 -9.77 -2.29
C GLU A 215 3.68 -8.90 -2.81
N LEU A 216 3.47 -7.59 -2.92
CA LEU A 216 4.56 -6.68 -3.40
C LEU A 216 5.73 -6.57 -2.45
N MET A 217 5.52 -6.80 -1.16
CA MET A 217 6.52 -6.57 -0.14
C MET A 217 7.56 -7.68 -0.07
N GLY A 218 7.36 -8.78 -0.78
CA GLY A 218 8.35 -9.81 -0.84
C GLY A 218 8.68 -10.39 0.52
N ILE A 219 7.63 -10.82 1.22
CA ILE A 219 7.75 -11.34 2.56
C ILE A 219 7.32 -12.80 2.69
N ASP A 220 7.19 -13.50 1.57
CA ASP A 220 6.78 -14.91 1.59
C ASP A 220 7.77 -15.78 2.37
N ASP A 221 9.02 -15.36 2.53
CA ASP A 221 9.98 -16.16 3.32
C ASP A 221 9.58 -16.23 4.80
N VAL A 222 8.94 -15.17 5.30
CA VAL A 222 8.56 -15.07 6.69
C VAL A 222 7.01 -15.13 6.99
N ARG A 223 6.18 -14.88 5.98
CA ARG A 223 4.71 -14.96 6.20
C ARG A 223 4.22 -16.16 5.41
N PRO A 224 3.56 -17.16 6.03
CA PRO A 224 3.11 -17.19 7.41
C PRO A 224 3.99 -17.98 8.41
N SER A 225 5.15 -18.43 7.95
CA SER A 225 6.00 -19.28 8.79
C SER A 225 6.41 -18.69 10.12
N GLN A 226 6.69 -17.38 10.12
CA GLN A 226 7.12 -16.64 11.30
C GLN A 226 6.21 -15.48 11.68
N VAL A 227 5.49 -14.92 10.69
CA VAL A 227 4.56 -13.83 10.98
C VAL A 227 3.22 -14.14 10.37
N ASN A 228 2.18 -14.05 11.18
CA ASN A 228 0.83 -14.48 10.75
C ASN A 228 -0.29 -13.66 11.32
N ASN A 229 0.02 -12.48 11.88
CA ASN A 229 -1.04 -11.58 12.41
C ASN A 229 -1.92 -10.99 11.29
N HIS A 230 -3.15 -10.74 11.69
CA HIS A 230 -4.12 -10.10 10.83
C HIS A 230 -4.09 -8.60 10.95
N LEU A 231 -4.64 -7.95 9.92
CA LEU A 231 -5.15 -6.58 10.07
C LEU A 231 -6.53 -6.68 10.68
N PHE A 232 -6.90 -5.68 11.48
CA PHE A 232 -8.21 -5.72 12.21
C PHE A 232 -8.99 -4.41 11.89
N ALA A 233 -10.09 -4.55 11.16
CA ALA A 233 -10.94 -3.39 10.74
C ALA A 233 -12.07 -3.21 11.74
N ILE A 234 -12.11 -2.02 12.34
CA ILE A 234 -13.18 -1.62 13.27
C ILE A 234 -14.09 -0.59 12.56
N SER A 235 -15.21 -0.28 13.19
CA SER A 235 -16.24 0.59 12.62
C SER A 235 -16.53 1.66 13.63
N PRO A 236 -15.64 2.67 13.73
CA PRO A 236 -15.83 3.73 14.71
C PRO A 236 -17.15 4.47 14.43
N GLU A 237 -17.65 5.10 15.47
CA GLU A 237 -18.87 5.91 15.37
C GLU A 237 -18.58 7.37 15.02
N GLY A 238 -17.50 7.59 14.27
CA GLY A 238 -17.08 8.92 13.85
C GLY A 238 -15.87 8.78 12.94
N SER A 239 -15.29 9.91 12.52
CA SER A 239 -14.28 9.96 11.49
C SER A 239 -14.76 9.39 10.16
N TYR A 240 -13.82 8.99 9.30
CA TYR A 240 -14.19 8.50 8.01
C TYR A 240 -13.46 7.19 7.74
N MET A 241 -12.20 7.29 7.34
CA MET A 241 -11.39 6.05 7.15
C MET A 241 -9.95 6.31 7.36
N TRP A 242 -9.26 5.32 7.92
CA TRP A 242 -7.91 5.55 8.33
C TRP A 242 -7.26 4.21 8.64
N ALA A 243 -5.93 4.24 8.77
CA ALA A 243 -5.20 3.05 9.23
C ALA A 243 -4.18 3.50 10.20
N SER A 244 -3.95 2.74 11.24
CA SER A 244 -3.03 3.13 12.26
C SER A 244 -2.32 1.90 12.79
N ASP A 245 -1.44 2.11 13.74
CA ASP A 245 -0.96 0.94 14.52
C ASP A 245 -2.22 0.18 15.04
N TYR A 246 -2.18 -1.14 15.01
CA TYR A 246 -3.17 -2.04 15.68
C TYR A 246 -4.51 -2.24 14.94
N GLN A 247 -5.01 -1.20 14.27
CA GLN A 247 -6.32 -1.26 13.71
C GLN A 247 -6.45 -0.37 12.52
N ILE A 248 -7.34 -0.77 11.64
CA ILE A 248 -7.80 0.09 10.56
C ILE A 248 -9.26 0.36 10.79
N GLY A 249 -9.74 1.54 10.37
CA GLY A 249 -11.11 1.96 10.70
C GLY A 249 -11.88 2.48 9.52
N PHE A 250 -13.16 2.11 9.48
CA PHE A 250 -14.10 2.61 8.53
C PHE A 250 -15.38 3.05 9.28
N VAL A 251 -15.73 4.33 9.19
CA VAL A 251 -16.88 4.80 9.97
C VAL A 251 -18.10 3.93 9.69
N TYR A 252 -18.88 3.70 10.76
CA TYR A 252 -20.01 2.80 10.68
C TYR A 252 -21.05 3.21 9.73
N THR A 253 -21.13 4.52 9.48
CA THR A 253 -22.02 4.97 8.40
C THR A 253 -21.57 4.64 6.97
N TYR A 254 -20.30 4.21 6.81
CA TYR A 254 -19.67 3.92 5.52
C TYR A 254 -19.64 2.42 5.16
N LEU A 255 -20.10 1.53 6.08
CA LEU A 255 -19.97 0.08 5.84
C LEU A 255 -20.63 -0.49 4.65
N GLY A 256 -21.68 0.14 4.12
CA GLY A 256 -22.24 -0.38 2.87
C GLY A 256 -21.24 -0.39 1.74
N ASN A 257 -20.26 0.52 1.83
CA ASN A 257 -19.23 0.58 0.78
C ASN A 257 -18.02 -0.29 1.05
N ILE A 258 -18.07 -1.05 2.14
CA ILE A 258 -17.04 -2.04 2.51
C ILE A 258 -17.60 -3.48 2.28
N LEU A 259 -18.81 -3.73 2.77
CA LEU A 259 -19.35 -5.12 2.86
C LEU A 259 -19.95 -5.65 1.59
N LEU A 260 -20.20 -4.79 0.63
CA LEU A 260 -20.79 -5.19 -0.63
C LEU A 260 -19.86 -4.91 -1.75
N GLU A 261 -19.35 -5.97 -2.32
CA GLU A 261 -18.37 -5.91 -3.38
C GLU A 261 -18.85 -5.04 -4.53
N ASP A 262 -20.16 -5.07 -4.81
CA ASP A 262 -20.70 -4.28 -5.92
C ASP A 262 -20.51 -2.83 -5.61
N ASN A 263 -20.61 -2.45 -4.35
CA ASN A 263 -20.41 -1.06 -3.96
C ASN A 263 -18.92 -0.67 -3.99
N VAL A 264 -18.06 -1.56 -3.48
CA VAL A 264 -16.60 -1.34 -3.63
C VAL A 264 -16.18 -1.11 -5.09
N MET A 265 -16.80 -1.82 -6.03
CA MET A 265 -16.50 -1.74 -7.44
C MET A 265 -17.27 -0.64 -8.23
N ALA A 266 -18.17 0.08 -7.57
CA ALA A 266 -19.17 0.94 -8.27
C ALA A 266 -18.55 2.23 -8.74
N ALA A 267 -17.50 2.69 -8.05
CA ALA A 267 -16.77 3.88 -8.47
C ALA A 267 -15.29 3.66 -8.21
N GLU A 268 -14.41 4.34 -8.97
CA GLU A 268 -12.95 4.19 -8.80
C GLU A 268 -12.46 4.42 -7.38
N ASP A 269 -12.99 5.46 -6.76
CA ASP A 269 -12.58 5.83 -5.44
C ASP A 269 -12.92 4.83 -4.37
N ASN A 270 -13.90 3.97 -4.62
CA ASN A 270 -14.40 3.11 -3.53
C ASN A 270 -13.41 2.02 -3.15
N ALA A 271 -12.56 1.60 -4.09
CA ALA A 271 -11.44 0.69 -3.72
C ALA A 271 -10.18 1.50 -3.37
N TRP A 272 -10.01 2.63 -4.02
CA TRP A 272 -8.83 3.52 -3.79
C TRP A 272 -8.69 3.95 -2.38
N GLY A 273 -9.72 4.53 -1.80
CA GLY A 273 -9.57 5.09 -0.48
C GLY A 273 -9.03 4.08 0.52
N PRO A 274 -9.77 2.98 0.70
CA PRO A 274 -9.37 1.97 1.67
C PRO A 274 -7.99 1.38 1.31
N ALA A 275 -7.74 1.13 0.02
CA ALA A 275 -6.43 0.55 -0.39
C ALA A 275 -5.33 1.54 0.00
N HIS A 276 -5.56 2.84 -0.22
CA HIS A 276 -4.56 3.86 0.13
C HIS A 276 -4.29 3.85 1.62
N GLU A 277 -5.35 3.76 2.42
CA GLU A 277 -5.17 3.77 3.90
C GLU A 277 -4.38 2.51 4.35
N ILE A 278 -4.75 1.36 3.82
CA ILE A 278 -4.00 0.12 4.12
C ILE A 278 -2.52 0.28 3.66
N GLY A 279 -2.32 0.95 2.53
CA GLY A 279 -0.96 1.21 2.04
C GLY A 279 -0.12 1.95 3.02
N HIS A 280 -0.71 2.84 3.82
CA HIS A 280 0.04 3.56 4.84
C HIS A 280 0.63 2.61 5.88
N VAL A 281 -0.01 1.46 6.11
CA VAL A 281 0.53 0.46 7.02
C VAL A 281 1.83 -0.08 6.46
N HIS A 282 1.90 -0.22 5.14
CA HIS A 282 2.97 -0.99 4.49
C HIS A 282 4.10 -0.17 3.83
N GLN A 283 3.99 1.17 3.85
CA GLN A 283 4.84 1.97 2.99
C GLN A 283 6.24 2.23 3.54
N ALA A 284 6.46 2.12 4.87
CA ALA A 284 7.69 2.72 5.47
C ALA A 284 8.99 2.35 4.84
N ALA A 285 9.18 1.09 4.43
CA ALA A 285 10.47 0.70 3.84
C ALA A 285 10.87 1.59 2.67
N ILE A 286 9.92 1.89 1.81
CA ILE A 286 10.17 2.61 0.55
C ILE A 286 9.84 4.10 0.62
N ASN A 287 9.46 4.58 1.81
CA ASN A 287 8.94 5.92 1.98
C ASN A 287 9.95 6.86 2.67
N TRP A 288 9.92 8.14 2.28
CA TRP A 288 10.70 9.17 2.94
C TRP A 288 9.84 10.42 2.91
N ALA A 289 9.98 11.22 3.95
CA ALA A 289 9.23 12.46 4.06
C ALA A 289 9.41 13.29 2.79
N SER A 290 8.30 13.86 2.36
CA SER A 290 8.05 14.43 1.00
C SER A 290 7.22 13.52 0.14
N SER A 291 7.13 12.23 0.52
CA SER A 291 6.52 11.19 -0.34
C SER A 291 5.42 10.44 0.38
N THR A 292 5.12 10.80 1.62
CA THR A 292 4.25 10.01 2.49
C THR A 292 2.83 9.80 2.02
N GLU A 293 2.30 10.71 1.23
CA GLU A 293 0.95 10.56 0.66
C GLU A 293 0.92 10.08 -0.77
N SER A 294 2.08 9.70 -1.31
CA SER A 294 2.15 9.07 -2.62
C SER A 294 2.75 7.67 -2.65
N SER A 295 3.72 7.38 -1.81
CA SER A 295 4.43 6.12 -1.93
C SER A 295 3.50 4.94 -1.64
N ASN A 296 2.54 5.15 -0.76
CA ASN A 296 1.53 4.12 -0.48
C ASN A 296 0.59 3.85 -1.67
N ASN A 297 0.57 4.75 -2.66
CA ASN A 297 -0.26 4.53 -3.85
C ASN A 297 0.28 3.53 -4.85
N LEU A 298 1.54 3.07 -4.66
CA LEU A 298 1.98 1.85 -5.28
C LEU A 298 0.94 0.76 -4.99
N PHE A 299 0.63 0.65 -3.72
CA PHE A 299 -0.35 -0.33 -3.26
C PHE A 299 -1.74 -0.01 -3.80
N SER A 300 -2.16 1.25 -3.74
CA SER A 300 -3.47 1.63 -4.29
C SER A 300 -3.62 1.25 -5.74
N ASN A 301 -2.65 1.64 -6.58
CA ASN A 301 -2.71 1.34 -7.97
C ASN A 301 -2.64 -0.16 -8.24
N PHE A 302 -1.91 -0.91 -7.44
CA PHE A 302 -1.83 -2.37 -7.65
C PHE A 302 -3.24 -3.00 -7.38
N ILE A 303 -3.89 -2.55 -6.32
CA ILE A 303 -5.25 -3.03 -5.95
C ILE A 303 -6.23 -2.74 -7.10
N ILE A 304 -6.22 -1.51 -7.59
CA ILE A 304 -7.05 -1.17 -8.73
C ILE A 304 -6.79 -2.08 -9.94
N TYR A 305 -5.53 -2.33 -10.27
CA TYR A 305 -5.13 -3.19 -11.33
C TYR A 305 -5.67 -4.62 -11.11
N LYS A 306 -5.44 -5.14 -9.93
CA LYS A 306 -5.86 -6.53 -9.63
C LYS A 306 -7.38 -6.68 -9.67
N LEU A 307 -8.11 -5.64 -9.29
CA LEU A 307 -9.59 -5.66 -9.28
C LEU A 307 -10.14 -5.61 -10.68
N GLY A 308 -9.34 -5.14 -11.64
CA GLY A 308 -9.58 -5.35 -13.05
C GLY A 308 -10.58 -4.48 -13.77
N LYS A 309 -11.12 -3.47 -13.13
CA LYS A 309 -12.17 -2.66 -13.73
C LYS A 309 -11.71 -1.28 -14.27
N TYR A 310 -10.89 -0.64 -13.47
CA TYR A 310 -10.54 0.78 -13.71
C TYR A 310 -9.10 0.96 -14.09
N LYS A 311 -8.81 2.09 -14.72
CA LYS A 311 -7.45 2.40 -15.16
C LYS A 311 -6.72 3.09 -14.00
N SER A 312 -5.39 3.18 -14.17
CA SER A 312 -4.55 3.68 -13.10
C SER A 312 -4.79 5.18 -12.83
N ARG A 313 -4.40 5.59 -11.62
N ARG A 313 -4.38 5.59 -11.64
CA ARG A 313 -4.55 6.95 -11.13
CA ARG A 313 -4.56 6.93 -11.16
C ARG A 313 -3.21 7.69 -11.22
C ARG A 313 -3.20 7.70 -11.19
N GLY A 314 -3.31 9.01 -11.29
CA GLY A 314 -2.21 9.93 -11.29
C GLY A 314 -2.21 10.83 -12.47
N ASN A 315 -1.41 11.88 -12.37
CA ASN A 315 -1.22 12.77 -13.51
C ASN A 315 -0.45 12.11 -14.64
N GLY A 316 -0.44 12.82 -15.76
CA GLY A 316 0.39 12.48 -16.87
C GLY A 316 1.84 12.98 -16.70
N LEU A 317 2.73 12.44 -17.50
CA LEU A 317 4.14 12.82 -17.47
C LEU A 317 4.42 14.28 -17.82
N GLY A 318 3.48 14.91 -18.51
CA GLY A 318 3.49 16.35 -18.71
C GLY A 318 3.70 17.13 -17.39
N SER A 319 3.12 16.63 -16.31
CA SER A 319 3.23 17.28 -15.00
C SER A 319 4.68 17.23 -14.53
N VAL A 320 5.39 16.13 -14.85
CA VAL A 320 6.79 16.00 -14.51
C VAL A 320 7.63 17.00 -15.33
N ALA A 321 7.40 17.01 -16.64
CA ALA A 321 8.10 17.91 -17.55
C ALA A 321 7.95 19.34 -17.07
N THR A 322 6.74 19.70 -16.74
CA THR A 322 6.44 21.06 -16.24
C THR A 322 7.20 21.36 -14.95
N ALA A 323 7.14 20.42 -13.99
CA ALA A 323 7.79 20.64 -12.72
C ALA A 323 9.31 20.76 -12.84
N ARG A 324 9.92 19.81 -13.54
CA ARG A 324 11.31 19.62 -13.60
C ARG A 324 11.90 20.70 -14.50
N TYR A 325 11.34 20.81 -15.70
CA TYR A 325 12.03 21.52 -16.77
C TYR A 325 11.50 22.90 -16.97
N ALA A 326 10.20 23.11 -16.86
CA ALA A 326 9.68 24.48 -16.87
C ALA A 326 9.95 25.21 -15.55
N ASN A 327 9.92 24.51 -14.42
CA ASN A 327 9.88 25.19 -13.11
C ASN A 327 11.10 24.90 -12.23
N GLY A 328 12.01 24.07 -12.72
CA GLY A 328 13.27 23.78 -12.06
C GLY A 328 13.17 23.02 -10.76
N GLN A 329 12.11 22.23 -10.60
CA GLN A 329 11.84 21.47 -9.35
C GLN A 329 12.60 20.16 -9.29
N ALA A 330 12.80 19.67 -8.05
CA ALA A 330 13.42 18.40 -7.72
C ALA A 330 12.25 17.47 -7.29
N TRP A 331 12.57 16.27 -6.83
CA TRP A 331 11.58 15.37 -6.28
C TRP A 331 10.80 16.06 -5.13
N TYR A 332 11.52 16.61 -4.14
CA TYR A 332 10.87 16.97 -2.84
C TYR A 332 9.84 18.06 -2.98
N ASN A 333 10.02 18.95 -3.97
CA ASN A 333 9.12 20.01 -4.24
C ASN A 333 8.40 19.96 -5.56
N MET A 334 8.30 18.77 -6.14
CA MET A 334 7.73 18.65 -7.44
C MET A 334 6.25 19.01 -7.36
N GLY A 335 5.84 19.99 -8.15
CA GLY A 335 4.50 20.47 -8.13
C GLY A 335 4.11 21.18 -6.86
N ASP A 336 5.07 21.61 -6.02
CA ASP A 336 4.82 22.19 -4.69
C ASP A 336 5.83 23.31 -4.38
N ALA A 337 5.79 24.36 -5.20
CA ALA A 337 6.75 25.47 -5.13
C ALA A 337 6.63 26.16 -3.78
N THR A 338 5.39 26.53 -3.44
CA THR A 338 5.11 27.19 -2.15
C THR A 338 5.27 26.27 -0.93
N HIS A 339 5.66 25.03 -1.13
CA HIS A 339 5.91 24.14 0.00
C HIS A 339 4.68 24.03 0.91
N GLN A 340 3.49 23.80 0.35
CA GLN A 340 2.26 23.59 1.18
C GLN A 340 1.55 22.23 1.11
N ASN A 341 1.83 21.38 0.12
CA ASN A 341 1.20 20.08 0.06
C ASN A 341 1.94 19.24 -0.97
N GLU A 342 2.30 18.01 -0.61
CA GLU A 342 2.86 17.11 -1.62
C GLU A 342 1.94 17.03 -2.85
N ASP A 343 2.52 17.06 -4.04
CA ASP A 343 1.76 16.83 -5.28
C ASP A 343 1.64 15.31 -5.50
N THR A 344 0.73 14.70 -4.79
CA THR A 344 0.61 13.23 -4.79
C THR A 344 0.21 12.70 -6.15
N GLU A 345 -0.60 13.47 -6.89
CA GLU A 345 -1.05 13.04 -8.24
C GLU A 345 0.14 12.89 -9.22
N THR A 346 1.16 13.74 -9.08
CA THR A 346 2.37 13.62 -9.90
C THR A 346 3.31 12.57 -9.30
N HIS A 347 3.63 12.69 -8.02
CA HIS A 347 4.59 11.80 -7.41
C HIS A 347 4.18 10.31 -7.58
N MET A 348 2.89 10.00 -7.54
CA MET A 348 2.48 8.58 -7.46
C MET A 348 2.83 7.83 -8.76
N ARG A 349 3.11 8.52 -9.84
CA ARG A 349 3.48 7.86 -11.06
C ARG A 349 4.84 7.21 -10.98
N MET A 350 5.73 7.67 -10.05
CA MET A 350 7.14 7.22 -10.08
C MET A 350 7.26 5.71 -9.74
N ASN A 351 6.74 5.30 -8.60
CA ASN A 351 6.78 3.88 -8.22
C ASN A 351 6.00 3.04 -9.23
N TRP A 352 4.89 3.61 -9.74
CA TRP A 352 3.98 2.88 -10.61
C TRP A 352 4.69 2.61 -11.92
N GLN A 353 5.46 3.57 -12.46
CA GLN A 353 6.20 3.33 -13.71
C GLN A 353 7.17 2.13 -13.58
N LEU A 354 7.77 2.01 -12.43
CA LEU A 354 8.64 0.85 -12.12
C LEU A 354 7.87 -0.46 -12.13
N TRP A 355 6.65 -0.43 -11.59
CA TRP A 355 5.75 -1.62 -11.67
C TRP A 355 5.34 -1.85 -13.12
N ILE A 356 4.90 -0.83 -13.86
CA ILE A 356 4.46 -1.04 -15.26
C ILE A 356 5.55 -1.71 -16.08
N TYR A 357 6.80 -1.24 -15.99
CA TYR A 357 7.87 -1.74 -16.80
C TYR A 357 8.33 -3.15 -16.36
N TYR A 358 8.70 -3.30 -15.12
CA TYR A 358 9.30 -4.55 -14.67
C TYR A 358 8.20 -5.63 -14.53
N HIS A 359 7.06 -5.24 -13.97
CA HIS A 359 5.99 -6.19 -13.68
C HIS A 359 5.03 -6.35 -14.86
N ARG A 360 4.36 -5.28 -15.33
CA ARG A 360 3.35 -5.48 -16.36
C ARG A 360 4.01 -5.83 -17.67
N CYS A 361 5.17 -5.26 -17.96
CA CYS A 361 5.92 -5.62 -19.19
C CYS A 361 6.78 -6.87 -19.02
N GLU A 362 6.80 -7.40 -17.80
CA GLU A 362 7.50 -8.68 -17.44
C GLU A 362 9.00 -8.71 -17.62
N TYR A 363 9.62 -7.54 -17.64
CA TYR A 363 11.08 -7.41 -17.65
C TYR A 363 11.76 -7.89 -16.37
N LYS A 364 11.10 -7.81 -15.22
CA LYS A 364 11.59 -8.45 -13.98
C LYS A 364 10.45 -8.56 -13.00
N THR A 365 9.79 -9.71 -12.98
CA THR A 365 8.50 -9.85 -12.36
C THR A 365 8.58 -9.95 -10.84
N ASP A 366 9.79 -9.96 -10.28
CA ASP A 366 10.00 -9.86 -8.82
C ASP A 366 10.79 -8.61 -8.44
N PHE A 367 10.72 -7.60 -9.30
CA PHE A 367 11.42 -6.34 -9.10
C PHE A 367 10.97 -5.74 -7.76
N TRP A 368 9.68 -5.52 -7.56
CA TRP A 368 9.25 -4.79 -6.35
C TRP A 368 9.54 -5.58 -5.08
N GLN A 369 9.42 -6.92 -5.15
CA GLN A 369 9.72 -7.75 -3.99
C GLN A 369 11.20 -7.64 -3.64
N THR A 370 12.04 -7.63 -4.66
CA THR A 370 13.48 -7.43 -4.50
C THR A 370 13.83 -6.07 -3.90
N LEU A 371 13.15 -5.06 -4.39
CA LEU A 371 13.39 -3.71 -3.93
C LEU A 371 12.94 -3.52 -2.46
N PHE A 372 11.80 -4.11 -2.09
CA PHE A 372 11.36 -4.07 -0.72
C PHE A 372 12.35 -4.72 0.19
N LYS A 373 12.83 -5.87 -0.19
CA LYS A 373 13.84 -6.58 0.61
C LYS A 373 15.07 -5.68 0.82
N LEU A 374 15.57 -5.08 -0.26
CA LEU A 374 16.76 -4.23 -0.17
C LEU A 374 16.48 -3.02 0.69
N MET A 375 15.27 -2.43 0.58
CA MET A 375 14.99 -1.26 1.43
C MET A 375 14.85 -1.62 2.93
N ARG A 376 14.36 -2.81 3.24
CA ARG A 376 14.35 -3.31 4.58
C ARG A 376 15.80 -3.46 5.12
N GLU A 377 16.73 -3.87 4.27
CA GLU A 377 18.18 -3.87 4.61
C GLU A 377 18.70 -2.47 4.87
N VAL A 378 18.36 -1.52 4.01
CA VAL A 378 18.73 -0.17 4.21
C VAL A 378 18.21 0.33 5.58
N ASN A 379 16.96 -0.01 5.89
CA ASN A 379 16.44 0.17 7.22
C ASN A 379 16.47 1.61 7.75
N MET A 380 16.06 2.56 6.92
CA MET A 380 16.00 3.95 7.30
C MET A 380 14.58 4.34 7.62
N THR A 381 14.41 5.09 8.72
CA THR A 381 13.10 5.62 9.02
C THR A 381 12.75 6.65 7.95
N GLU A 382 11.47 6.99 7.89
CA GLU A 382 10.94 7.91 6.91
C GLU A 382 11.50 9.32 7.08
N GLY A 383 11.77 9.69 8.34
CA GLY A 383 12.17 11.06 8.63
C GLY A 383 13.63 11.25 9.00
N GLU A 384 14.38 10.18 9.25
CA GLU A 384 15.74 10.36 9.78
C GLU A 384 16.62 11.18 8.87
N ASP A 385 16.45 11.01 7.56
CA ASP A 385 17.39 11.61 6.61
C ASP A 385 16.80 11.41 5.22
N PRO A 386 15.73 12.16 4.92
CA PRO A 386 15.02 11.95 3.66
C PRO A 386 15.89 12.19 2.44
N GLY A 387 16.83 13.14 2.45
CA GLY A 387 17.65 13.32 1.27
C GLY A 387 18.52 12.12 0.98
N LYS A 388 19.05 11.52 2.03
CA LYS A 388 19.83 10.31 1.94
C LYS A 388 18.92 9.18 1.44
N LYS A 389 17.76 9.06 2.05
CA LYS A 389 16.85 7.95 1.69
C LYS A 389 16.40 7.96 0.27
N GLN A 390 16.11 9.16 -0.27
CA GLN A 390 15.77 9.32 -1.67
C GLN A 390 16.86 8.67 -2.57
N LEU A 391 18.14 8.91 -2.27
CA LEU A 391 19.22 8.33 -3.03
C LEU A 391 19.47 6.86 -2.76
N GLU A 392 19.22 6.39 -1.53
CA GLU A 392 19.27 4.93 -1.25
C GLU A 392 18.18 4.22 -2.09
N PHE A 393 17.06 4.90 -2.27
CA PHE A 393 15.97 4.30 -3.05
C PHE A 393 16.39 4.16 -4.53
N ALA A 394 16.91 5.22 -5.13
CA ALA A 394 17.45 5.15 -6.51
C ALA A 394 18.55 4.08 -6.67
N LYS A 395 19.45 4.01 -5.72
CA LYS A 395 20.52 3.00 -5.75
C LYS A 395 19.94 1.59 -5.67
N MET A 396 19.03 1.37 -4.71
CA MET A 396 18.46 0.06 -4.50
C MET A 396 17.53 -0.33 -5.64
N ALA A 397 16.87 0.64 -6.29
CA ALA A 397 16.07 0.32 -7.43
C ALA A 397 16.98 -0.22 -8.58
N SER A 398 18.15 0.42 -8.74
CA SER A 398 19.16 0.02 -9.73
C SER A 398 19.63 -1.37 -9.41
N LYS A 399 19.95 -1.62 -8.13
CA LYS A 399 20.45 -2.92 -7.70
C LYS A 399 19.37 -4.00 -7.93
N ALA A 400 18.13 -3.73 -7.52
CA ALA A 400 17.05 -4.65 -7.74
C ALA A 400 16.82 -5.00 -9.23
N ALA A 401 16.77 -4.00 -10.10
CA ALA A 401 16.60 -4.21 -11.52
C ALA A 401 17.87 -4.77 -12.15
N ASN A 402 18.98 -4.62 -11.44
CA ASN A 402 20.31 -4.92 -12.05
C ASN A 402 20.51 -4.13 -13.34
N GLN A 403 20.19 -2.83 -13.30
CA GLN A 403 20.26 -1.90 -14.37
C GLN A 403 20.54 -0.52 -13.81
N ASN A 404 21.30 0.24 -14.56
CA ASN A 404 21.62 1.61 -14.20
C ASN A 404 20.47 2.57 -14.47
N LEU A 405 19.70 2.90 -13.42
CA LEU A 405 18.52 3.77 -13.63
C LEU A 405 18.79 5.26 -13.44
N THR A 406 20.00 5.67 -13.81
CA THR A 406 20.29 7.06 -13.72
C THR A 406 19.32 7.96 -14.45
N ASP A 407 19.00 7.65 -15.70
CA ASP A 407 18.12 8.49 -16.50
C ASP A 407 16.71 8.61 -15.89
N PHE A 408 16.17 7.50 -15.41
CA PHE A 408 14.84 7.50 -14.75
C PHE A 408 14.85 8.45 -13.53
N PHE A 409 15.83 8.26 -12.68
CA PHE A 409 15.93 9.07 -11.43
C PHE A 409 16.31 10.52 -11.70
N GLU A 410 17.03 10.76 -12.79
CA GLU A 410 17.25 12.12 -13.26
C GLU A 410 15.95 12.80 -13.65
N MET A 411 15.13 12.15 -14.45
CA MET A 411 13.87 12.76 -14.86
C MET A 411 12.98 13.05 -13.64
N TRP A 412 12.99 12.14 -12.66
CA TRP A 412 12.16 12.28 -11.49
C TRP A 412 12.74 13.22 -10.45
N GLY A 413 13.87 13.87 -10.73
CA GLY A 413 14.32 14.96 -9.83
C GLY A 413 15.20 14.55 -8.66
N PHE A 414 15.76 13.34 -8.71
CA PHE A 414 16.51 12.76 -7.62
C PHE A 414 17.97 13.27 -7.54
N PHE A 415 18.42 13.98 -8.58
CA PHE A 415 19.83 14.36 -8.69
C PHE A 415 19.97 15.87 -8.75
N GLU A 416 18.93 16.58 -8.31
N GLU A 416 19.02 16.57 -8.15
CA GLU A 416 19.04 18.01 -7.97
CA GLU A 416 19.09 18.01 -8.01
C GLU A 416 19.61 18.09 -6.57
C GLU A 416 19.41 18.33 -6.55
N PRO A 417 20.49 19.07 -6.34
CA PRO A 417 20.94 19.34 -4.97
C PRO A 417 19.82 20.05 -4.23
N VAL A 418 19.72 19.76 -2.92
CA VAL A 418 18.69 20.30 -2.07
C VAL A 418 19.39 20.62 -0.73
N ASN A 419 19.01 21.72 -0.15
CA ASN A 419 19.42 22.05 1.22
C ASN A 419 18.38 22.91 1.89
N THR A 420 17.43 22.29 2.57
CA THR A 420 16.25 22.98 3.02
C THR A 420 15.60 22.18 4.13
N THR A 421 14.45 22.62 4.58
CA THR A 421 13.61 21.85 5.45
C THR A 421 12.26 21.67 4.80
N ILE A 422 11.54 20.63 5.20
CA ILE A 422 10.18 20.40 4.74
C ILE A 422 9.29 20.07 5.89
N GLU A 423 8.00 20.12 5.64
CA GLU A 423 7.03 19.67 6.59
C GLU A 423 6.08 18.65 5.97
N GLN A 424 6.07 17.46 6.54
CA GLN A 424 5.09 16.45 6.24
C GLN A 424 5.02 15.50 7.39
N TYR A 425 3.99 15.66 8.22
CA TYR A 425 3.86 14.97 9.51
C TYR A 425 5.15 15.13 10.34
N GLY A 426 5.56 16.38 10.51
CA GLY A 426 6.82 16.78 11.14
C GLY A 426 7.65 17.63 10.21
N THR A 427 8.64 18.34 10.75
CA THR A 427 9.60 19.09 9.98
C THR A 427 10.86 18.23 9.95
N TYR A 428 11.50 18.16 8.79
CA TYR A 428 12.66 17.34 8.51
C TYR A 428 13.64 18.17 7.73
N LYS A 429 14.91 17.97 8.04
CA LYS A 429 15.94 18.54 7.26
C LYS A 429 16.09 17.71 5.97
N TYR A 430 15.97 18.39 4.84
CA TYR A 430 16.17 17.80 3.50
C TYR A 430 17.48 18.20 2.84
N TYR A 431 18.42 17.31 2.81
CA TYR A 431 19.78 17.65 2.35
C TYR A 431 20.32 16.62 1.35
N VAL A 432 20.52 17.08 0.11
CA VAL A 432 21.07 16.28 -0.95
C VAL A 432 22.26 17.07 -1.51
N SER A 433 23.45 16.57 -1.25
CA SER A 433 24.70 17.29 -1.61
C SER A 433 25.21 16.85 -2.99
N ASP A 434 26.00 17.71 -3.65
CA ASP A 434 26.67 17.29 -4.88
C ASP A 434 27.45 15.99 -4.69
N ALA A 435 28.12 15.84 -3.57
CA ALA A 435 28.88 14.63 -3.30
C ALA A 435 27.96 13.41 -3.21
N MET A 436 26.87 13.55 -2.47
CA MET A 436 25.91 12.44 -2.35
C MET A 436 25.39 12.03 -3.74
N ILE A 437 25.10 13.03 -4.55
CA ILE A 437 24.66 12.77 -5.90
C ILE A 437 25.69 12.03 -6.70
N ARG A 438 26.94 12.51 -6.64
CA ARG A 438 28.02 11.90 -7.34
C ARG A 438 28.22 10.47 -6.92
N GLU A 439 28.19 10.20 -5.59
CA GLU A 439 28.34 8.82 -5.09
C GLU A 439 27.20 7.93 -5.61
N ALA A 440 26.00 8.49 -5.67
CA ALA A 440 24.85 7.61 -6.06
C ALA A 440 24.98 7.22 -7.52
N LYS A 441 25.38 8.16 -8.37
CA LYS A 441 25.49 7.92 -9.80
C LYS A 441 26.58 6.90 -10.09
N GLU A 442 27.64 7.01 -9.32
CA GLU A 442 28.75 6.13 -9.40
C GLU A 442 28.36 4.73 -9.02
N TYR A 443 27.61 4.59 -7.91
CA TYR A 443 27.12 3.29 -7.48
C TYR A 443 26.24 2.67 -8.58
N MET A 444 25.36 3.48 -9.15
CA MET A 444 24.35 3.03 -10.11
C MET A 444 25.03 2.65 -11.47
N ALA A 445 26.18 3.29 -11.73
CA ALA A 445 26.96 3.04 -12.94
C ALA A 445 27.64 1.67 -12.95
N GLN A 446 27.65 0.98 -11.82
CA GLN A 446 28.13 -0.38 -11.82
C GLN A 446 27.24 -1.37 -12.53
N PHE A 447 25.96 -0.99 -12.75
CA PHE A 447 25.01 -1.87 -13.41
C PHE A 447 24.92 -1.58 -14.90
N PRO A 448 24.48 -2.55 -15.70
CA PRO A 448 24.42 -2.31 -17.15
C PRO A 448 23.36 -1.32 -17.56
N ALA A 449 23.53 -0.74 -18.75
CA ALA A 449 22.58 0.22 -19.27
C ALA A 449 21.18 -0.43 -19.27
N PRO A 450 20.15 0.36 -18.97
CA PRO A 450 18.80 -0.16 -19.14
C PRO A 450 18.51 -0.54 -20.59
N LYS A 451 17.61 -1.48 -20.74
CA LYS A 451 17.13 -1.95 -22.06
C LYS A 451 16.11 -0.98 -22.67
N HIS A 452 15.43 -0.16 -21.82
CA HIS A 452 14.44 0.78 -22.33
C HIS A 452 14.45 2.10 -21.61
N ALA A 453 13.99 3.14 -22.31
CA ALA A 453 13.67 4.44 -21.75
C ALA A 453 12.31 4.54 -21.07
N PHE A 454 12.09 3.69 -20.09
CA PHE A 454 10.78 3.50 -19.52
C PHE A 454 10.38 4.62 -18.53
N GLN A 455 11.25 5.59 -18.34
CA GLN A 455 10.84 6.89 -17.73
C GLN A 455 9.75 7.55 -18.52
N TYR A 456 9.48 7.09 -19.79
CA TYR A 456 8.42 7.63 -20.58
C TYR A 456 7.19 6.72 -20.66
N ILE A 457 7.14 5.68 -19.80
CA ILE A 457 6.07 4.68 -19.88
C ILE A 457 4.71 5.11 -19.31
N GLU A 458 3.65 4.65 -19.97
CA GLU A 458 2.29 4.88 -19.53
C GLU A 458 1.57 3.54 -19.56
N ASP A 459 0.57 3.38 -18.70
CA ASP A 459 -0.36 2.22 -18.81
C ASP A 459 -1.76 2.68 -19.16
N ARG A 460 -1.86 3.87 -19.76
CA ARG A 460 -3.10 4.48 -20.16
C ARG A 460 -2.94 5.08 -21.53
N LYS A 461 -4.05 5.12 -22.28
CA LYS A 461 -4.10 5.87 -23.53
C LYS A 461 -5.37 6.66 -23.63
N LYS A 462 -5.30 7.68 -24.44
CA LYS A 462 -6.35 8.67 -24.54
C LYS A 462 -7.76 8.07 -24.82
N SER A 463 -7.78 7.08 -25.69
CA SER A 463 -9.00 6.45 -26.17
C SER A 463 -9.74 5.74 -25.05
N GLU A 464 -9.08 5.52 -23.90
CA GLU A 464 -9.70 4.83 -22.74
C GLU A 464 -10.56 5.73 -21.88
N PHE A 465 -10.59 7.03 -22.14
CA PHE A 465 -11.21 7.96 -21.22
C PHE A 465 -12.20 8.87 -21.92
N PRO A 466 -13.27 9.24 -21.23
CA PRO A 466 -14.10 10.27 -21.82
C PRO A 466 -13.41 11.64 -21.77
N SER A 467 -13.81 12.55 -22.64
CA SER A 467 -13.16 13.87 -22.69
C SER A 467 -13.26 14.69 -21.38
N ASN A 468 -14.18 14.35 -20.50
CA ASN A 468 -14.38 15.06 -19.25
C ASN A 468 -13.48 14.52 -18.14
N ASP A 469 -12.75 13.44 -18.40
CA ASP A 469 -11.93 12.82 -17.38
C ASP A 469 -10.54 13.49 -17.44
N TYR A 470 -9.98 13.80 -16.29
CA TYR A 470 -8.65 14.46 -16.24
C TYR A 470 -7.56 13.71 -17.07
N ARG A 471 -7.65 12.40 -17.14
CA ARG A 471 -6.65 11.64 -17.84
C ARG A 471 -6.69 11.75 -19.36
N TYR A 472 -7.84 12.10 -19.93
CA TYR A 472 -7.98 12.20 -21.38
C TYR A 472 -6.89 13.15 -21.97
N SER A 473 -6.81 14.34 -21.38
CA SER A 473 -5.90 15.37 -21.88
C SER A 473 -4.51 15.27 -21.28
N ALA A 474 -4.33 14.50 -20.22
CA ALA A 474 -3.06 14.41 -19.52
C ALA A 474 -2.12 13.33 -19.99
N VAL A 475 -2.67 12.18 -20.44
CA VAL A 475 -1.80 11.04 -20.67
C VAL A 475 -0.88 11.06 -21.92
N GLY A 476 -1.01 12.06 -22.76
CA GLY A 476 -0.17 12.11 -23.97
C GLY A 476 -0.64 11.18 -25.05
N ASP A 477 0.21 11.08 -26.07
CA ASP A 477 -0.03 10.27 -27.27
C ASP A 477 0.81 9.03 -27.42
N VAL A 478 2.06 9.05 -26.96
CA VAL A 478 3.00 7.97 -27.14
C VAL A 478 3.55 7.45 -25.80
N GLY A 479 4.17 6.27 -25.85
CA GLY A 479 4.79 5.68 -24.71
C GLY A 479 3.97 4.66 -23.97
N TYR A 480 2.87 4.21 -24.59
CA TYR A 480 2.05 3.14 -23.98
C TYR A 480 2.83 1.87 -23.78
N TYR A 481 2.49 1.14 -22.72
CA TYR A 481 3.38 0.09 -22.25
C TYR A 481 3.66 -0.99 -23.31
N THR A 482 2.70 -1.21 -24.22
CA THR A 482 2.94 -2.26 -25.25
C THR A 482 4.12 -1.94 -26.12
N GLN A 483 4.40 -0.66 -26.33
CA GLN A 483 5.60 -0.27 -27.12
C GLN A 483 6.91 -0.71 -26.46
N PHE A 484 6.90 -0.77 -25.12
CA PHE A 484 8.02 -1.26 -24.37
C PHE A 484 8.06 -2.78 -24.33
N LYS A 485 6.91 -3.41 -24.11
CA LYS A 485 6.85 -4.83 -23.95
C LYS A 485 7.24 -5.53 -25.30
N GLU A 486 6.80 -4.96 -26.40
CA GLU A 486 7.08 -5.46 -27.78
C GLU A 486 8.31 -4.83 -28.42
N ASN A 487 9.04 -3.98 -27.67
CA ASN A 487 10.23 -3.34 -28.15
C ASN A 487 10.07 -2.65 -29.54
N GLN A 488 9.04 -1.86 -29.66
CA GLN A 488 8.79 -1.19 -30.92
C GLN A 488 9.93 -0.32 -31.40
N LYS A 489 10.15 -0.33 -32.73
CA LYS A 489 11.18 0.48 -33.37
C LYS A 489 10.55 1.58 -34.15
N ILE A 490 11.28 2.67 -34.33
CA ILE A 490 10.80 3.72 -35.21
C ILE A 490 11.22 3.31 -36.64
N THR A 491 10.22 3.08 -37.47
CA THR A 491 10.41 2.70 -38.90
C THR A 491 9.92 3.76 -39.89
N LYS A 492 8.98 4.62 -39.52
CA LYS A 492 8.46 5.68 -40.40
C LYS A 492 9.36 6.90 -40.60
N ALA A 493 8.97 7.73 -41.58
CA ALA A 493 9.70 8.94 -41.93
C ALA A 493 9.29 10.08 -40.99
N ILE A 494 9.66 9.87 -39.74
CA ILE A 494 9.33 10.83 -38.68
C ILE A 494 9.93 12.20 -38.93
N THR A 495 9.08 13.24 -38.92
CA THR A 495 9.58 14.60 -39.01
C THR A 495 8.99 15.49 -37.91
N ALA A 496 9.53 16.71 -37.80
CA ALA A 496 9.05 17.72 -36.89
C ALA A 496 9.05 19.07 -37.56
N GLU A 497 8.15 19.93 -37.08
CA GLU A 497 8.07 21.32 -37.48
C GLU A 497 7.94 22.15 -36.23
N LEU A 498 8.59 23.31 -36.23
CA LEU A 498 8.49 24.28 -35.16
C LEU A 498 7.81 25.52 -35.71
N ALA A 499 6.75 25.95 -35.04
CA ALA A 499 6.11 27.21 -35.37
C ALA A 499 5.86 27.97 -34.07
N GLY A 500 6.61 29.05 -33.85
CA GLY A 500 6.62 29.71 -32.55
C GLY A 500 7.22 28.76 -31.53
N ARG A 501 6.52 28.53 -30.41
CA ARG A 501 6.97 27.54 -29.45
C ARG A 501 6.22 26.20 -29.66
N LYS A 502 5.48 26.09 -30.73
CA LYS A 502 4.73 24.84 -31.01
C LYS A 502 5.51 23.83 -31.85
N VAL A 503 5.70 22.64 -31.26
CA VAL A 503 6.29 21.52 -31.94
C VAL A 503 5.18 20.57 -32.43
N SER A 504 5.23 20.24 -33.71
CA SER A 504 4.39 19.21 -34.32
C SER A 504 5.21 18.09 -34.90
N ILE A 505 4.95 16.88 -34.44
CA ILE A 505 5.63 15.73 -34.94
C ILE A 505 4.74 15.04 -35.95
N GLN A 506 5.33 14.65 -37.10
CA GLN A 506 4.59 13.87 -38.09
C GLN A 506 5.14 12.47 -38.13
N ASN A 507 4.26 11.49 -38.27
CA ASN A 507 4.65 10.09 -38.38
C ASN A 507 5.51 9.63 -37.20
N GLY A 508 5.15 10.10 -36.01
CA GLY A 508 5.99 9.77 -34.83
C GLY A 508 5.34 8.87 -33.81
N ASP A 509 4.20 8.28 -34.16
CA ASP A 509 3.45 7.37 -33.29
C ASP A 509 4.22 6.14 -32.83
N GLU A 510 5.37 5.81 -33.42
CA GLU A 510 6.15 4.69 -32.94
C GLU A 510 7.16 5.03 -31.83
N ALA A 511 7.39 6.32 -31.63
CA ALA A 511 8.36 6.80 -30.66
C ALA A 511 7.70 6.65 -29.27
N VAL A 512 8.47 6.83 -28.19
CA VAL A 512 7.89 6.83 -26.83
C VAL A 512 7.86 8.20 -26.16
N ALA A 513 8.57 9.20 -26.74
CA ALA A 513 8.64 10.54 -26.21
C ALA A 513 9.45 11.38 -27.21
N PHE A 514 9.42 12.67 -27.01
CA PHE A 514 10.20 13.66 -27.78
C PHE A 514 10.98 14.48 -26.80
N GLU A 515 12.27 14.70 -27.06
CA GLU A 515 13.13 15.40 -26.10
C GLU A 515 13.76 16.63 -26.76
N LEU A 516 13.83 17.74 -26.01
CA LEU A 516 14.74 18.86 -26.36
C LEU A 516 15.99 18.71 -25.50
N ARG A 517 17.17 18.60 -26.16
CA ARG A 517 18.45 18.42 -25.48
C ARG A 517 19.48 19.46 -25.94
N GLU A 518 20.42 19.73 -25.04
CA GLU A 518 21.50 20.72 -25.28
C GLU A 518 22.59 20.11 -26.16
N ASN A 519 22.77 20.71 -27.34
CA ASN A 519 23.84 20.36 -28.32
C ASN A 519 23.63 19.07 -29.08
N ASP A 520 23.45 17.96 -28.37
CA ASP A 520 23.25 16.67 -29.00
C ASP A 520 22.51 15.70 -28.08
N GLU A 521 22.41 14.43 -28.46
CA GLU A 521 21.67 13.46 -27.63
C GLU A 521 22.31 13.12 -26.30
N ASN A 522 23.57 13.51 -26.09
CA ASN A 522 24.20 13.28 -24.81
C ASN A 522 24.22 14.53 -23.98
N GLY A 523 23.67 15.60 -24.50
CA GLY A 523 23.56 16.82 -23.77
C GLY A 523 22.46 16.71 -22.75
N LYS A 524 22.38 17.71 -21.87
CA LYS A 524 21.39 17.66 -20.82
C LYS A 524 19.98 17.88 -21.39
N LEU A 525 19.03 17.20 -20.78
CA LEU A 525 17.62 17.33 -21.15
C LEU A 525 17.11 18.71 -20.76
N LEU A 526 16.53 19.41 -21.71
CA LEU A 526 15.89 20.67 -21.50
C LEU A 526 14.37 20.61 -21.29
N TYR A 527 13.75 19.67 -21.98
CA TYR A 527 12.31 19.49 -21.99
C TYR A 527 11.99 18.15 -22.58
N PHE A 528 10.78 17.62 -22.28
CA PHE A 528 10.30 16.46 -22.98
C PHE A 528 8.79 16.54 -23.03
N SER A 529 8.23 15.75 -23.97
CA SER A 529 6.80 15.60 -24.10
C SER A 529 6.50 14.24 -24.63
N THR A 530 5.34 13.73 -24.24
CA THR A 530 4.80 12.50 -24.81
C THR A 530 3.58 12.75 -25.67
N PHE A 531 3.41 14.01 -26.08
CA PHE A 531 2.39 14.41 -27.02
C PHE A 531 3.08 14.59 -28.38
N THR A 532 2.33 14.37 -29.44
CA THR A 532 2.89 14.55 -30.76
C THR A 532 2.69 15.98 -31.24
N THR A 533 1.99 16.80 -30.46
CA THR A 533 1.94 18.25 -30.65
C THR A 533 2.05 18.88 -29.28
N PHE A 534 2.99 19.79 -29.11
CA PHE A 534 3.18 20.44 -27.80
C PHE A 534 3.80 21.82 -27.89
N GLU A 535 3.50 22.65 -26.89
CA GLU A 535 4.11 23.98 -26.71
C GLU A 535 5.33 23.90 -25.79
N ILE A 536 6.44 24.48 -26.23
CA ILE A 536 7.62 24.53 -25.39
C ILE A 536 7.48 25.74 -24.45
N PRO A 537 7.65 25.51 -23.15
CA PRO A 537 7.48 26.69 -22.27
C PRO A 537 8.48 27.83 -22.59
N SER A 538 8.02 29.06 -22.40
CA SER A 538 8.86 30.28 -22.53
C SER A 538 10.16 30.16 -21.76
N SER A 539 10.11 29.59 -20.56
CA SER A 539 11.30 29.45 -19.73
C SER A 539 12.37 28.50 -20.28
N ILE A 540 12.02 27.66 -21.26
CA ILE A 540 13.03 26.73 -21.76
C ILE A 540 13.97 27.50 -22.67
N LEU A 541 15.26 27.25 -22.47
CA LEU A 541 16.33 27.94 -23.20
C LEU A 541 16.62 27.18 -24.48
N MET A 542 16.34 27.83 -25.61
CA MET A 542 16.31 27.14 -26.91
C MET A 542 17.57 27.26 -27.77
N VAL A 543 18.54 28.07 -27.35
CA VAL A 543 19.82 28.17 -28.07
C VAL A 543 20.67 26.91 -27.81
N ASN A 544 21.15 26.27 -28.88
CA ASN A 544 21.86 24.98 -28.77
C ASN A 544 20.93 23.75 -28.62
N ALA A 545 19.60 23.96 -28.55
CA ALA A 545 18.63 22.85 -28.37
C ALA A 545 18.30 22.10 -29.67
N LYS A 546 18.38 20.77 -29.57
CA LYS A 546 18.03 19.87 -30.64
C LYS A 546 16.86 18.98 -30.15
N LEU A 547 16.02 18.64 -31.11
CA LEU A 547 14.85 17.80 -30.91
C LEU A 547 15.10 16.34 -31.33
N TYR A 548 14.83 15.41 -30.42
CA TYR A 548 15.00 13.98 -30.65
C TYR A 548 13.71 13.21 -30.40
N ALA A 549 13.41 12.30 -31.30
CA ALA A 549 12.45 11.24 -31.03
C ALA A 549 13.14 10.16 -30.22
N VAL A 550 12.46 9.66 -29.16
CA VAL A 550 12.97 8.55 -28.37
C VAL A 550 12.32 7.22 -28.75
N GLN A 551 13.17 6.29 -29.17
CA GLN A 551 12.75 4.94 -29.43
C GLN A 551 12.64 4.21 -28.08
N ALA A 552 11.72 3.23 -27.96
CA ALA A 552 11.46 2.55 -26.71
C ALA A 552 12.73 2.06 -26.04
N ASP A 553 13.67 1.50 -26.83
CA ASP A 553 14.88 0.98 -26.31
C ASP A 553 15.93 2.04 -26.01
N GLY A 554 15.65 3.31 -26.27
CA GLY A 554 16.56 4.33 -25.80
C GLY A 554 17.35 5.04 -26.90
N LYS A 555 17.29 4.54 -28.12
CA LYS A 555 17.90 5.23 -29.24
C LYS A 555 17.22 6.59 -29.39
N ARG A 556 18.02 7.64 -29.59
CA ARG A 556 17.49 8.95 -29.87
C ARG A 556 17.77 9.25 -31.32
N ILE A 557 16.76 9.79 -31.99
CA ILE A 557 16.80 10.11 -33.41
C ILE A 557 16.56 11.59 -33.62
N LEU A 558 17.57 12.31 -34.14
CA LEU A 558 17.51 13.75 -34.37
C LEU A 558 16.39 14.07 -35.38
N LEU A 559 15.57 15.05 -35.05
CA LEU A 559 14.50 15.52 -35.90
C LEU A 559 14.78 16.95 -36.37
ZN ZN B . -3.03 9.19 3.16
C1 EDO C . -8.41 -2.00 -16.76
O1 EDO C . -7.63 -2.06 -17.95
C2 EDO C . -9.89 -2.10 -17.08
O2 EDO C . -10.09 -3.13 -18.04
C1 EDO D . -5.28 17.19 -15.40
O1 EDO D . -5.83 16.70 -16.63
C2 EDO D . -3.88 16.62 -15.16
O2 EDO D . -2.95 17.29 -16.01
C1 EDO E . -5.28 10.01 5.02
O1 EDO E . -5.02 8.76 4.33
C2 EDO E . -5.38 11.14 4.00
O2 EDO E . -4.57 10.82 2.83
P PO4 F . 18.36 0.05 -32.54
O1 PO4 F . 19.76 0.30 -33.07
O2 PO4 F . 17.32 0.65 -33.47
O3 PO4 F . 18.16 -1.43 -32.35
O4 PO4 F . 18.23 0.68 -31.16
#